data_2JTP
#
_entry.id   2JTP
#
_cell.length_a   1.000
_cell.length_b   1.000
_cell.length_c   1.000
_cell.angle_alpha   90.00
_cell.angle_beta   90.00
_cell.angle_gamma   90.00
#
_symmetry.space_group_name_H-M   'P 1'
#
_entity_poly.entity_id   1
_entity_poly.type   'polyribonucleotide'
_entity_poly.pdbx_seq_one_letter_code
;GGAUGGGGAAAGAAGCCCCGCAAUUUCCCCAUCC
;
_entity_poly.pdbx_strand_id   A
#
loop_
_chem_comp.id
_chem_comp.type
_chem_comp.name
_chem_comp.formula
A RNA linking ADENOSINE-5'-MONOPHOSPHATE 'C10 H14 N5 O7 P'
C RNA linking CYTIDINE-5'-MONOPHOSPHATE 'C9 H14 N3 O8 P'
G RNA linking GUANOSINE-5'-MONOPHOSPHATE 'C10 H14 N5 O8 P'
U RNA linking URIDINE-5'-MONOPHOSPHATE 'C9 H13 N2 O9 P'
#